data_1EAT
#
_entry.id   1EAT
#
_cell.length_a   51.990
_cell.length_b   57.790
_cell.length_c   75.720
_cell.angle_alpha   90.00
_cell.angle_beta   90.00
_cell.angle_gamma   90.00
#
_symmetry.space_group_name_H-M   'P 21 21 21'
#
loop_
_entity.id
_entity.type
_entity.pdbx_description
1 polymer 'PORCINE PANCREATIC ELASTASE'
2 non-polymer 'SODIUM ION'
3 non-polymer 'SULFATE ION'
4 non-polymer 2-[5-METHANESULFONYLAMINO-2-(4-AMINOPHENYL)-6-OXO-1,6-DIHYDRO-1-PYRIMIDINYL]-N-(3,3,3-TRIFLUORO-1-ISOPROPYL-2-OXOPROPYL)ACETAMIDE
5 water water
#
_entity_poly.entity_id   1
_entity_poly.type   'polypeptide(L)'
_entity_poly.pdbx_seq_one_letter_code
;VVGGTEAQRNSWPSQISLQYRSGSSWAHTCGGTLIRQNWVMTAAHCVDRELTFRVVVGEHNLNQNNGTEQYVGVQKIVVH
PYWNTDDVAAGYDIALLRLAQSVTLNSYVQLGVLPRAGTILANNSPCYITGWGLTRTNGQLAQTLQQAYLPTVDYAICSS
SSYWGSTVKNSMVCAGGDGVRSGCQGDSGGPLHCLVNGQYAVHGVTSFVSRLGCNVTRKPTVFTRVSAYISWINNVIASN
;
_entity_poly.pdbx_strand_id   A
#
# COMPACT_ATOMS: atom_id res chain seq x y z
N VAL A 1 -10.70 2.75 -0.79
CA VAL A 1 -11.04 1.60 -1.67
C VAL A 1 -12.47 1.83 -2.18
N VAL A 2 -12.63 1.78 -3.49
CA VAL A 2 -13.90 1.99 -4.15
C VAL A 2 -14.48 0.62 -4.55
N GLY A 3 -15.78 0.40 -4.34
CA GLY A 3 -16.42 -0.85 -4.70
C GLY A 3 -15.96 -1.98 -3.78
N GLY A 4 -15.60 -1.62 -2.55
CA GLY A 4 -15.12 -2.62 -1.60
C GLY A 4 -16.12 -3.05 -0.53
N THR A 5 -15.67 -3.92 0.36
CA THR A 5 -16.50 -4.40 1.44
C THR A 5 -15.61 -4.34 2.68
N GLU A 6 -16.22 -4.18 3.84
CA GLU A 6 -15.47 -4.11 5.07
C GLU A 6 -14.77 -5.42 5.37
N ALA A 7 -13.53 -5.32 5.83
CA ALA A 7 -12.74 -6.50 6.15
C ALA A 7 -12.98 -6.97 7.58
N GLN A 8 -12.77 -8.25 7.83
CA GLN A 8 -12.91 -8.77 9.19
C GLN A 8 -11.75 -8.17 9.96
N ARG A 9 -11.91 -8.00 11.26
CA ARG A 9 -10.83 -7.38 12.03
C ARG A 9 -9.50 -8.12 12.11
N ASN A 10 -9.48 -9.38 11.71
CA ASN A 10 -8.24 -10.13 11.78
C ASN A 10 -7.80 -10.72 10.43
N SER A 11 -8.34 -10.20 9.34
CA SER A 11 -7.99 -10.70 8.01
C SER A 11 -6.63 -10.28 7.45
N TRP A 12 -6.29 -9.00 7.62
CA TRP A 12 -5.05 -8.48 7.09
C TRP A 12 -4.30 -7.75 8.18
N PRO A 13 -3.62 -8.50 9.08
CA PRO A 13 -2.82 -8.05 10.22
C PRO A 13 -1.54 -7.25 9.93
N SER A 14 -1.07 -7.25 8.69
CA SER A 14 0.14 -6.50 8.33
C SER A 14 -0.16 -5.06 7.92
N GLN A 15 -1.42 -4.78 7.58
CA GLN A 15 -1.85 -3.45 7.18
C GLN A 15 -1.67 -2.43 8.31
N ILE A 16 -1.13 -1.26 7.97
CA ILE A 16 -0.97 -0.22 8.98
C ILE A 16 -1.58 1.10 8.48
N SER A 17 -1.80 2.02 9.41
CA SER A 17 -2.30 3.36 9.09
C SER A 17 -1.17 4.35 9.40
N LEU A 18 -0.71 5.04 8.38
CA LEU A 18 0.35 6.06 8.50
C LEU A 18 -0.39 7.38 8.74
N GLN A 19 -0.09 8.03 9.87
CA GLN A 19 -0.76 9.27 10.20
C GLN A 19 0.21 10.42 10.48
N TYR A 20 -0.20 11.62 10.12
CA TYR A 20 0.65 12.77 10.37
C TYR A 20 -0.07 13.67 11.35
N ARG A 21 0.66 14.50 12.05
CA ARG A 21 0.03 15.35 13.03
C ARG A 21 -0.43 16.68 12.45
N SER A 22 -1.73 16.94 12.59
CA SER A 22 -2.33 18.18 12.13
C SER A 22 -2.77 18.96 13.38
N GLY A 23 -2.02 20.01 13.70
CA GLY A 23 -2.36 20.80 14.87
C GLY A 23 -1.98 20.03 16.12
N SER A 24 -2.99 19.52 16.81
CA SER A 24 -2.77 18.74 18.02
C SER A 24 -3.34 17.34 17.78
N SER A 25 -3.93 17.16 16.60
CA SER A 25 -4.55 15.91 16.23
C SER A 25 -3.75 15.17 15.18
N TRP A 26 -4.18 13.95 14.91
CA TRP A 26 -3.53 13.10 13.92
C TRP A 26 -4.52 12.79 12.81
N ALA A 27 -4.04 12.75 11.58
CA ALA A 27 -4.90 12.42 10.48
C ALA A 27 -4.28 11.32 9.62
N HIS A 28 -5.12 10.36 9.22
CA HIS A 28 -4.68 9.24 8.37
C HIS A 28 -4.37 9.81 7.00
N THR A 29 -3.23 9.42 6.44
CA THR A 29 -2.85 9.91 5.11
C THR A 29 -2.49 8.78 4.09
N CYS A 30 -1.99 7.66 4.60
CA CYS A 30 -1.60 6.53 3.76
C CYS A 30 -1.65 5.17 4.48
N GLY A 31 -1.59 4.10 3.69
CA GLY A 31 -1.54 2.76 4.24
C GLY A 31 -0.06 2.38 4.30
N GLY A 32 0.22 1.15 4.70
CA GLY A 32 1.60 0.70 4.78
C GLY A 32 1.54 -0.79 5.14
N THR A 33 2.69 -1.47 5.15
CA THR A 33 2.75 -2.90 5.49
C THR A 33 3.84 -3.13 6.51
N LEU A 34 3.51 -3.80 7.61
CA LEU A 34 4.47 -4.13 8.64
C LEU A 34 5.39 -5.24 8.08
N ILE A 35 6.67 -4.98 7.88
CA ILE A 35 7.57 -6.02 7.34
C ILE A 35 8.55 -6.59 8.37
N ARG A 36 8.79 -5.84 9.44
CA ARG A 36 9.64 -6.27 10.56
C ARG A 36 8.90 -5.69 11.74
N GLN A 37 9.21 -6.12 12.96
CA GLN A 37 8.53 -5.57 14.12
C GLN A 37 8.82 -4.08 14.31
N ASN A 38 9.85 -3.58 13.65
CA ASN A 38 10.27 -2.17 13.74
C ASN A 38 10.48 -1.50 12.39
N TRP A 39 9.95 -2.10 11.33
CA TRP A 39 10.07 -1.54 9.99
C TRP A 39 8.75 -1.57 9.26
N VAL A 40 8.44 -0.48 8.57
CA VAL A 40 7.21 -0.39 7.80
C VAL A 40 7.53 -0.01 6.34
N MET A 41 6.87 -0.68 5.41
CA MET A 41 7.07 -0.40 3.99
C MET A 41 5.86 0.39 3.49
N THR A 42 6.11 1.47 2.77
CA THR A 42 5.03 2.28 2.26
C THR A 42 5.49 2.94 0.94
N ALA A 43 4.70 3.88 0.41
CA ALA A 43 5.05 4.59 -0.82
C ALA A 43 5.88 5.84 -0.51
N ALA A 44 6.81 6.19 -1.39
CA ALA A 44 7.65 7.36 -1.18
C ALA A 44 6.85 8.65 -1.18
N HIS A 45 5.87 8.74 -2.10
CA HIS A 45 5.05 9.94 -2.19
C HIS A 45 4.18 10.23 -0.93
N CYS A 46 4.21 9.31 0.03
CA CYS A 46 3.48 9.48 1.28
C CYS A 46 4.33 10.20 2.33
N VAL A 47 5.63 9.94 2.35
CA VAL A 47 6.53 10.53 3.34
C VAL A 47 7.54 11.46 2.72
N ASP A 48 7.11 12.11 1.64
CA ASP A 48 7.89 13.04 0.84
C ASP A 48 8.04 14.42 1.44
N ARG A 49 7.24 14.69 2.46
CA ARG A 49 7.18 15.97 3.13
C ARG A 49 7.76 15.88 4.51
N GLU A 50 8.17 17.04 5.02
CA GLU A 50 8.77 17.17 6.34
C GLU A 50 7.63 17.22 7.36
N LEU A 51 6.82 16.17 7.44
CA LEU A 51 5.72 16.12 8.37
C LEU A 51 6.11 15.23 9.54
N THR A 52 5.38 15.31 10.65
CA THR A 52 5.61 14.44 11.80
C THR A 52 4.65 13.25 11.62
N PHE A 53 5.18 12.04 11.57
CA PHE A 53 4.35 10.85 11.33
C PHE A 53 4.34 9.84 12.47
N ARG A 54 3.33 8.97 12.46
CA ARG A 54 3.24 7.90 13.44
C ARG A 54 2.51 6.79 12.72
N VAL A 55 2.74 5.58 13.20
CA VAL A 55 2.13 4.39 12.65
C VAL A 55 1.18 3.76 13.66
N VAL A 56 0.04 3.30 13.18
CA VAL A 56 -0.94 2.64 14.05
C VAL A 56 -1.09 1.23 13.53
N VAL A 57 -0.72 0.26 14.35
CA VAL A 57 -0.85 -1.16 13.99
C VAL A 57 -2.04 -1.75 14.79
N GLY A 58 -2.68 -2.80 14.28
CA GLY A 58 -3.81 -3.41 14.96
C GLY A 58 -5.07 -2.56 14.89
N GLU A 59 -5.14 -1.73 13.85
CA GLU A 59 -6.25 -0.81 13.63
C GLU A 59 -7.34 -1.40 12.72
N HIS A 60 -8.60 -1.08 13.03
CA HIS A 60 -9.72 -1.52 12.20
C HIS A 60 -10.67 -0.33 11.93
N ASN A 61 -11.04 0.38 12.99
CA ASN A 61 -11.93 1.51 12.86
C ASN A 61 -11.14 2.75 13.15
N LEU A 62 -10.91 3.60 12.14
CA LEU A 62 -10.15 4.84 12.29
C LEU A 62 -10.65 5.79 13.41
N ASN A 63 -11.96 5.85 13.60
CA ASN A 63 -12.54 6.75 14.60
C ASN A 63 -12.73 6.16 16.00
N GLN A 64 -13.20 4.92 16.08
CA GLN A 64 -13.45 4.27 17.37
C GLN A 64 -12.21 3.56 17.87
N ASN A 65 -12.10 3.39 19.19
CA ASN A 65 -10.96 2.65 19.71
C ASN A 65 -11.41 1.19 19.77
N ASN A 66 -10.72 0.33 19.04
CA ASN A 66 -11.03 -1.09 18.98
C ASN A 66 -10.48 -1.88 20.16
N GLY A 67 -9.49 -1.35 20.87
CA GLY A 67 -8.90 -2.07 21.97
C GLY A 67 -7.75 -2.96 21.53
N THR A 68 -7.33 -2.82 20.27
CA THR A 68 -6.26 -3.65 19.69
C THR A 68 -5.07 -2.85 19.12
N GLU A 69 -5.21 -1.53 19.07
CA GLU A 69 -4.19 -0.67 18.48
C GLU A 69 -2.90 -0.49 19.26
N GLN A 70 -1.84 -0.15 18.52
CA GLN A 70 -0.53 0.17 19.09
C GLN A 70 -0.08 1.37 18.27
N TYR A 71 0.20 2.47 18.96
CA TYR A 71 0.61 3.71 18.33
C TYR A 71 2.11 3.85 18.51
N VAL A 72 2.85 3.90 17.40
CA VAL A 72 4.32 4.00 17.45
C VAL A 72 4.82 5.16 16.58
N GLY A 73 5.83 5.88 17.06
CA GLY A 73 6.39 6.97 16.30
C GLY A 73 7.41 6.47 15.27
N VAL A 74 7.67 7.28 14.26
CA VAL A 74 8.61 6.94 13.19
C VAL A 74 9.99 7.53 13.49
N GLN A 75 10.95 6.66 13.75
CA GLN A 75 12.31 7.09 14.05
C GLN A 75 13.09 7.60 12.81
N LYS A 76 13.09 6.83 11.71
CA LYS A 76 13.77 7.25 10.47
C LYS A 76 13.03 6.85 9.20
N ILE A 77 13.20 7.66 8.15
CA ILE A 77 12.56 7.45 6.86
C ILE A 77 13.57 7.29 5.71
N VAL A 78 13.56 6.14 5.05
CA VAL A 78 14.46 5.89 3.94
C VAL A 78 13.66 5.76 2.65
N VAL A 79 13.69 6.82 1.85
CA VAL A 79 13.02 6.87 0.57
C VAL A 79 14.00 6.30 -0.45
N HIS A 80 13.48 5.67 -1.49
CA HIS A 80 14.38 5.11 -2.51
C HIS A 80 15.12 6.29 -3.12
N PRO A 81 16.46 6.19 -3.28
CA PRO A 81 17.30 7.25 -3.86
C PRO A 81 16.92 7.74 -5.25
N TYR A 82 16.31 6.88 -6.05
CA TYR A 82 15.90 7.26 -7.39
C TYR A 82 14.51 7.87 -7.48
N TRP A 83 13.84 7.98 -6.33
CA TRP A 83 12.48 8.55 -6.26
C TRP A 83 12.56 10.02 -6.62
N ASN A 84 11.67 10.46 -7.50
CA ASN A 84 11.67 11.85 -7.90
C ASN A 84 10.34 12.43 -7.44
N THR A 85 10.39 13.35 -6.47
CA THR A 85 9.20 13.97 -5.90
C THR A 85 7.94 14.10 -6.75
N ASP A 86 8.03 14.75 -7.90
CA ASP A 86 6.84 14.87 -8.74
C ASP A 86 6.37 13.47 -9.24
N ASP A 87 7.25 12.87 -10.04
CA ASP A 87 7.07 11.61 -10.72
C ASP A 87 6.66 10.29 -10.12
N VAL A 88 5.36 10.07 -10.15
CA VAL A 88 4.84 8.81 -9.68
C VAL A 88 5.00 7.86 -10.89
N ALA A 89 4.96 8.44 -12.10
CA ALA A 89 5.10 7.68 -13.32
C ALA A 89 6.51 7.16 -13.60
N ALA A 90 7.52 7.82 -13.06
CA ALA A 90 8.90 7.37 -13.26
C ALA A 90 9.25 6.11 -12.44
N GLY A 91 8.48 5.83 -11.40
CA GLY A 91 8.72 4.64 -10.60
C GLY A 91 9.45 4.94 -9.31
N TYR A 92 9.98 3.89 -8.70
CA TYR A 92 10.72 3.98 -7.45
C TYR A 92 9.89 4.50 -6.30
N ASP A 93 8.58 4.36 -6.41
CA ASP A 93 7.69 4.85 -5.36
C ASP A 93 7.66 3.88 -4.18
N ILE A 94 8.69 3.94 -3.34
CA ILE A 94 8.82 3.05 -2.19
C ILE A 94 9.74 3.66 -1.14
N ALA A 95 9.42 3.41 0.12
CA ALA A 95 10.16 3.94 1.25
C ALA A 95 10.00 2.98 2.43
N LEU A 96 10.95 3.03 3.35
CA LEU A 96 10.91 2.19 4.53
C LEU A 96 10.95 3.10 5.76
N LEU A 97 10.19 2.76 6.79
CA LEU A 97 10.14 3.57 8.00
C LEU A 97 10.58 2.74 9.21
N ARG A 98 11.63 3.19 9.89
CA ARG A 98 12.08 2.49 11.07
C ARG A 98 11.24 3.03 12.21
N LEU A 99 10.58 2.15 12.94
CA LEU A 99 9.74 2.61 14.02
C LEU A 99 10.54 2.87 15.26
N ALA A 100 10.12 3.86 16.03
CA ALA A 100 10.83 4.22 17.25
C ALA A 100 10.75 3.10 18.28
N GLN A 101 9.78 2.21 18.14
CA GLN A 101 9.63 1.09 19.06
C GLN A 101 9.20 -0.12 18.27
N SER A 102 9.60 -1.30 18.73
CA SER A 102 9.20 -2.57 18.11
C SER A 102 7.79 -2.88 18.60
N VAL A 103 6.89 -3.22 17.68
CA VAL A 103 5.53 -3.51 18.04
C VAL A 103 5.42 -4.95 18.51
N THR A 104 4.31 -5.24 19.18
CA THR A 104 4.01 -6.57 19.70
C THR A 104 3.13 -7.32 18.74
N LEU A 105 3.57 -8.50 18.33
CA LEU A 105 2.80 -9.30 17.41
C LEU A 105 1.80 -10.13 18.20
N ASN A 106 0.62 -10.28 17.63
CA ASN A 106 -0.48 -11.06 18.20
C ASN A 106 -1.38 -11.33 16.99
N SER A 107 -2.65 -11.68 17.17
CA SER A 107 -3.49 -11.95 16.00
C SER A 107 -4.02 -10.76 15.18
N TYR A 108 -3.80 -9.53 15.66
CA TYR A 108 -4.24 -8.34 14.95
C TYR A 108 -3.05 -7.62 14.30
N VAL A 109 -1.84 -8.04 14.69
CA VAL A 109 -0.59 -7.44 14.25
C VAL A 109 0.41 -8.55 13.86
N GLN A 110 0.66 -8.70 12.57
CA GLN A 110 1.57 -9.72 12.08
C GLN A 110 2.43 -9.14 10.97
N LEU A 111 3.54 -9.80 10.65
CA LEU A 111 4.42 -9.33 9.59
C LEU A 111 3.90 -9.76 8.22
N GLY A 112 4.07 -8.89 7.23
CA GLY A 112 3.64 -9.21 5.88
C GLY A 112 4.67 -10.13 5.23
N VAL A 113 4.22 -11.02 4.36
CA VAL A 113 5.18 -11.91 3.71
C VAL A 113 5.51 -11.33 2.34
N LEU A 114 6.80 -11.12 2.09
CA LEU A 114 7.26 -10.57 0.81
C LEU A 114 7.53 -11.68 -0.20
N PRO A 115 7.40 -11.39 -1.49
CA PRO A 115 7.65 -12.43 -2.48
C PRO A 115 9.14 -12.63 -2.73
N ARG A 116 9.48 -13.67 -3.49
CA ARG A 116 10.88 -13.93 -3.84
C ARG A 116 11.23 -12.93 -4.94
N ALA A 117 12.43 -12.40 -4.91
CA ALA A 117 12.89 -11.43 -5.90
C ALA A 117 12.59 -11.85 -7.36
N GLY A 118 12.18 -10.91 -8.20
CA GLY A 118 11.90 -11.22 -9.58
C GLY A 118 10.56 -11.87 -9.88
N THR A 119 9.84 -12.27 -8.84
CA THR A 119 8.56 -12.93 -9.03
C THR A 119 7.53 -12.07 -9.78
N ILE A 120 7.09 -12.57 -10.93
CA ILE A 120 6.10 -11.90 -11.76
C ILE A 120 4.82 -12.76 -11.78
N LEU A 121 3.66 -12.15 -11.57
CA LEU A 121 2.41 -12.92 -11.56
C LEU A 121 1.73 -13.01 -12.90
N ALA A 122 1.06 -14.14 -13.11
CA ALA A 122 0.31 -14.38 -14.34
C ALA A 122 -0.86 -13.38 -14.37
N ASN A 123 -1.37 -13.14 -15.57
CA ASN A 123 -2.48 -12.21 -15.76
C ASN A 123 -3.67 -12.75 -15.01
N ASN A 124 -4.49 -11.85 -14.51
CA ASN A 124 -5.67 -12.22 -13.77
C ASN A 124 -5.38 -13.07 -12.52
N SER A 125 -4.30 -12.78 -11.81
CA SER A 125 -4.00 -13.50 -10.58
C SER A 125 -4.88 -12.86 -9.51
N PRO A 126 -5.38 -13.67 -8.56
CA PRO A 126 -6.24 -13.20 -7.48
C PRO A 126 -5.53 -12.41 -6.40
N CYS A 127 -5.85 -11.12 -6.31
CA CYS A 127 -5.24 -10.23 -5.33
C CYS A 127 -6.33 -9.37 -4.70
N TYR A 128 -6.01 -8.80 -3.56
CA TYR A 128 -6.93 -7.91 -2.82
C TYR A 128 -6.19 -6.65 -2.38
N ILE A 129 -6.84 -5.51 -2.59
CA ILE A 129 -6.29 -4.25 -2.12
C ILE A 129 -7.04 -3.98 -0.81
N THR A 130 -6.34 -3.42 0.17
CA THR A 130 -6.94 -3.07 1.44
C THR A 130 -6.58 -1.63 1.79
N GLY A 131 -7.45 -0.99 2.57
CA GLY A 131 -7.19 0.38 2.97
C GLY A 131 -8.39 1.15 3.49
N TRP A 132 -8.09 2.36 3.98
CA TRP A 132 -9.09 3.27 4.51
C TRP A 132 -9.27 4.45 3.54
N GLY A 133 -8.76 4.33 2.33
CA GLY A 133 -8.87 5.42 1.35
C GLY A 133 -10.30 5.75 0.96
N LEU A 134 -10.48 6.79 0.15
CA LEU A 134 -11.80 7.23 -0.30
C LEU A 134 -12.61 6.07 -0.85
N THR A 135 -13.90 6.06 -0.53
CA THR A 135 -14.77 4.99 -1.01
C THR A 135 -15.44 5.38 -2.30
N ARG A 136 -15.13 6.58 -2.76
CA ARG A 136 -15.67 7.10 -4.00
C ARG A 136 -14.81 8.27 -4.44
N THR A 137 -14.65 8.46 -5.75
CA THR A 137 -13.88 9.57 -6.25
C THR A 137 -14.45 10.85 -5.62
N ASN A 138 -13.59 11.66 -5.01
CA ASN A 138 -13.99 12.90 -4.34
C ASN A 138 -14.99 12.70 -3.19
N GLY A 139 -14.98 11.49 -2.62
CA GLY A 139 -15.84 11.14 -1.51
C GLY A 139 -15.07 11.29 -0.21
N GLN A 140 -15.32 10.41 0.75
CA GLN A 140 -14.62 10.52 2.03
C GLN A 140 -13.93 9.22 2.41
N LEU A 141 -13.07 9.28 3.44
CA LEU A 141 -12.34 8.11 3.91
C LEU A 141 -13.31 7.14 4.54
N ALA A 142 -12.91 5.87 4.58
CA ALA A 142 -13.73 4.83 5.21
C ALA A 142 -13.35 4.91 6.68
N GLN A 143 -14.28 4.55 7.56
CA GLN A 143 -13.98 4.57 8.99
C GLN A 143 -13.38 3.22 9.33
N THR A 144 -13.81 2.20 8.61
CA THR A 144 -13.38 0.84 8.79
C THR A 144 -12.64 0.29 7.56
N LEU A 145 -11.64 -0.55 7.81
CA LEU A 145 -10.81 -1.15 6.76
C LEU A 145 -11.64 -1.83 5.69
N GLN A 146 -11.40 -1.45 4.44
CA GLN A 146 -12.11 -1.98 3.30
C GLN A 146 -11.18 -2.89 2.50
N GLN A 147 -11.76 -3.80 1.74
CA GLN A 147 -10.99 -4.68 0.90
C GLN A 147 -11.76 -4.86 -0.40
N ALA A 148 -11.05 -5.07 -1.50
CA ALA A 148 -11.68 -5.28 -2.78
C ALA A 148 -10.85 -6.26 -3.58
N TYR A 149 -11.53 -7.11 -4.34
CA TYR A 149 -10.88 -8.13 -5.18
C TYR A 149 -10.35 -7.43 -6.43
N LEU A 150 -9.02 -7.39 -6.57
CA LEU A 150 -8.37 -6.74 -7.69
C LEU A 150 -7.38 -7.65 -8.37
N PRO A 151 -7.82 -8.42 -9.37
CA PRO A 151 -6.90 -9.33 -10.05
C PRO A 151 -5.91 -8.55 -10.91
N THR A 152 -4.73 -9.13 -11.12
CA THR A 152 -3.70 -8.48 -11.91
C THR A 152 -3.97 -8.36 -13.42
N VAL A 153 -3.34 -7.37 -14.01
CA VAL A 153 -3.40 -7.12 -15.45
C VAL A 153 -1.92 -7.14 -15.76
N ASP A 154 -1.48 -8.13 -16.53
CA ASP A 154 -0.05 -8.23 -16.80
C ASP A 154 0.53 -7.04 -17.58
N TYR A 155 1.83 -6.84 -17.43
CA TYR A 155 2.53 -5.75 -18.06
C TYR A 155 2.18 -5.51 -19.54
N ALA A 156 2.15 -6.57 -20.35
CA ALA A 156 1.84 -6.44 -21.77
C ALA A 156 0.52 -5.75 -22.09
N ILE A 157 -0.53 -6.08 -21.33
CA ILE A 157 -1.83 -5.48 -21.53
C ILE A 157 -1.85 -4.12 -20.87
N CYS A 158 -1.31 -4.04 -19.66
CA CYS A 158 -1.32 -2.78 -18.95
C CYS A 158 -0.57 -1.64 -19.65
N SER A 159 0.55 -1.97 -20.30
CA SER A 159 1.35 -0.97 -20.99
C SER A 159 0.88 -0.74 -22.41
N SER A 160 -0.21 -1.38 -22.80
CA SER A 160 -0.72 -1.17 -24.14
C SER A 160 -1.44 0.19 -24.16
N SER A 161 -1.77 0.67 -25.35
CA SER A 161 -2.41 1.96 -25.53
C SER A 161 -3.78 2.16 -24.90
N SER A 162 -4.62 1.14 -24.93
CA SER A 162 -5.95 1.29 -24.34
C SER A 162 -5.92 1.34 -22.80
N TYR A 163 -4.79 0.98 -22.19
CA TYR A 163 -4.64 1.02 -20.74
C TYR A 163 -3.73 2.17 -20.31
N TRP A 164 -2.57 1.87 -19.77
CA TRP A 164 -1.69 2.92 -19.31
C TRP A 164 -0.53 3.32 -20.21
N GLY A 165 -0.34 2.61 -21.31
CA GLY A 165 0.76 2.93 -22.22
C GLY A 165 2.12 2.93 -21.54
N SER A 166 2.98 3.87 -21.94
CA SER A 166 4.32 3.98 -21.37
C SER A 166 4.36 4.46 -19.93
N THR A 167 3.24 4.95 -19.41
CA THR A 167 3.18 5.43 -18.03
C THR A 167 3.57 4.30 -17.05
N VAL A 168 3.17 3.07 -17.37
CA VAL A 168 3.46 1.91 -16.51
C VAL A 168 4.78 1.25 -16.92
N LYS A 169 5.63 0.95 -15.94
CA LYS A 169 6.93 0.31 -16.21
C LYS A 169 6.93 -1.13 -15.67
N ASN A 170 7.99 -1.87 -15.98
CA ASN A 170 8.07 -3.27 -15.53
C ASN A 170 8.25 -3.43 -14.01
N SER A 171 8.64 -2.36 -13.34
CA SER A 171 8.82 -2.35 -11.90
C SER A 171 7.49 -2.06 -11.15
N MET A 172 6.37 -2.17 -11.87
CA MET A 172 5.04 -1.90 -11.33
C MET A 172 4.11 -3.07 -11.63
N VAL A 173 3.06 -3.21 -10.82
CA VAL A 173 2.04 -4.23 -10.98
C VAL A 173 0.70 -3.52 -11.21
N CYS A 174 -0.11 -4.01 -12.14
CA CYS A 174 -1.41 -3.42 -12.43
C CYS A 174 -2.49 -4.35 -11.87
N ALA A 175 -3.54 -3.78 -11.28
CA ALA A 175 -4.63 -4.60 -10.74
C ALA A 175 -5.97 -3.88 -10.87
N GLY A 176 -7.00 -4.63 -11.31
CA GLY A 176 -8.34 -4.09 -11.48
C GLY A 176 -8.63 -3.50 -12.85
N GLY A 177 -9.17 -2.28 -12.85
CA GLY A 177 -9.51 -1.62 -14.09
C GLY A 177 -10.89 -1.96 -14.61
N ASP A 178 -11.75 -2.52 -13.78
CA ASP A 178 -13.08 -2.87 -14.26
C ASP A 178 -14.10 -1.72 -14.19
N GLY A 179 -13.67 -0.55 -13.72
CA GLY A 179 -14.57 0.58 -13.64
C GLY A 179 -15.45 0.58 -12.40
N VAL A 180 -15.32 -0.46 -11.58
CA VAL A 180 -16.11 -0.57 -10.36
C VAL A 180 -15.28 -0.54 -9.09
N ARG A 181 -14.18 -1.30 -9.05
CA ARG A 181 -13.32 -1.36 -7.86
C ARG A 181 -11.94 -0.80 -8.11
N SER A 182 -11.35 -0.20 -7.09
CA SER A 182 -10.02 0.36 -7.22
C SER A 182 -9.55 0.95 -5.93
N GLY A 183 -8.31 1.44 -5.96
CA GLY A 183 -7.78 2.13 -4.81
C GLY A 183 -8.22 3.57 -5.05
N CYS A 184 -8.05 4.42 -4.05
CA CYS A 184 -8.43 5.81 -4.16
C CYS A 184 -7.66 6.54 -3.05
N GLN A 185 -7.63 7.87 -3.10
CA GLN A 185 -6.87 8.67 -2.13
C GLN A 185 -6.91 8.19 -0.69
N GLY A 186 -5.75 7.97 -0.10
CA GLY A 186 -5.66 7.49 1.27
C GLY A 186 -5.29 6.01 1.34
N ASP A 187 -5.32 5.33 0.19
CA ASP A 187 -4.94 3.92 0.08
C ASP A 187 -3.46 3.81 -0.23
N SER A 188 -2.92 4.88 -0.83
CA SER A 188 -1.51 5.01 -1.22
C SER A 188 -0.58 4.37 -0.21
N GLY A 189 0.44 3.67 -0.69
CA GLY A 189 1.39 3.05 0.22
C GLY A 189 0.98 1.72 0.83
N GLY A 190 -0.31 1.41 0.86
CA GLY A 190 -0.78 0.16 1.41
C GLY A 190 -0.50 -1.04 0.53
N PRO A 191 -0.80 -2.26 1.01
CA PRO A 191 -0.62 -3.55 0.33
C PRO A 191 -1.56 -4.06 -0.77
N LEU A 192 -1.00 -4.85 -1.67
CA LEU A 192 -1.77 -5.54 -2.70
C LEU A 192 -1.44 -6.98 -2.28
N HIS A 193 -2.42 -7.67 -1.70
CA HIS A 193 -2.21 -9.05 -1.23
C HIS A 193 -2.58 -10.02 -2.32
N CYS A 194 -1.66 -10.90 -2.71
CA CYS A 194 -1.93 -11.88 -3.76
C CYS A 194 -1.73 -13.32 -3.29
N LEU A 195 -2.69 -14.19 -3.63
CA LEU A 195 -2.62 -15.60 -3.23
C LEU A 195 -1.64 -16.33 -4.12
N VAL A 196 -0.56 -16.81 -3.51
CA VAL A 196 0.47 -17.51 -4.22
C VAL A 196 0.88 -18.70 -3.38
N ASN A 197 0.71 -19.89 -3.94
CA ASN A 197 1.04 -21.14 -3.27
C ASN A 197 0.32 -21.30 -1.97
N GLY A 198 -0.96 -20.97 -1.98
CA GLY A 198 -1.81 -21.09 -0.79
C GLY A 198 -1.46 -20.11 0.30
N GLN A 199 -0.67 -19.09 -0.05
CA GLN A 199 -0.26 -18.14 0.94
C GLN A 199 -0.44 -16.73 0.38
N TYR A 200 -0.94 -15.81 1.20
CA TYR A 200 -1.09 -14.41 0.77
C TYR A 200 0.22 -13.64 0.97
N ALA A 201 0.75 -13.10 -0.12
CA ALA A 201 2.00 -12.35 -0.06
C ALA A 201 1.75 -10.95 -0.59
N VAL A 202 2.48 -9.99 -0.05
CA VAL A 202 2.36 -8.59 -0.44
C VAL A 202 3.22 -8.36 -1.68
N HIS A 203 2.54 -8.28 -2.82
CA HIS A 203 3.19 -8.08 -4.12
C HIS A 203 3.22 -6.62 -4.61
N GLY A 204 2.49 -5.72 -3.96
CA GLY A 204 2.49 -4.34 -4.41
C GLY A 204 2.31 -3.32 -3.31
N VAL A 205 2.75 -2.09 -3.60
CA VAL A 205 2.61 -0.95 -2.71
C VAL A 205 1.76 -0.03 -3.56
N THR A 206 0.57 0.33 -3.09
CA THR A 206 -0.33 1.17 -3.87
C THR A 206 0.30 2.51 -4.25
N SER A 207 0.34 2.78 -5.55
CA SER A 207 0.95 4.00 -6.06
C SER A 207 0.00 5.04 -6.69
N PHE A 208 -0.61 4.72 -7.82
CA PHE A 208 -1.46 5.71 -8.44
C PHE A 208 -2.65 5.18 -9.21
N VAL A 209 -3.56 6.08 -9.56
CA VAL A 209 -4.75 5.75 -10.33
C VAL A 209 -4.90 6.90 -11.30
N SER A 210 -5.95 6.83 -12.10
CA SER A 210 -6.19 7.89 -13.06
C SER A 210 -6.50 9.20 -12.38
N ARG A 211 -5.85 10.24 -12.88
CA ARG A 211 -6.06 11.58 -12.38
C ARG A 211 -7.53 11.95 -12.63
N LEU A 212 -8.12 11.34 -13.65
CA LEU A 212 -9.50 11.60 -14.02
C LEU A 212 -10.58 10.92 -13.15
N GLY A 213 -10.16 9.95 -12.35
CA GLY A 213 -11.08 9.23 -11.48
C GLY A 213 -10.44 7.97 -10.94
N CYS A 214 -10.85 7.54 -9.76
CA CYS A 214 -10.34 6.33 -9.12
C CYS A 214 -10.74 5.03 -9.84
N ASN A 215 -12.04 4.77 -9.98
CA ASN A 215 -12.51 3.57 -10.67
C ASN A 215 -12.82 3.89 -12.12
N VAL A 216 -11.78 4.00 -12.93
CA VAL A 216 -11.96 4.31 -14.33
C VAL A 216 -11.70 2.99 -15.10
N THR A 217 -12.60 2.65 -16.01
CA THR A 217 -12.47 1.42 -16.79
C THR A 217 -11.19 1.47 -17.63
N ARG A 218 -10.40 0.40 -17.60
CA ARG A 218 -9.13 0.33 -18.32
C ARG A 218 -8.01 1.19 -17.74
N LYS A 219 -8.20 1.64 -16.49
CA LYS A 219 -7.18 2.41 -15.77
C LYS A 219 -7.04 1.73 -14.40
N PRO A 220 -6.43 0.52 -14.41
CA PRO A 220 -6.23 -0.25 -13.18
C PRO A 220 -5.43 0.54 -12.17
N THR A 221 -5.52 0.15 -10.92
CA THR A 221 -4.73 0.79 -9.89
C THR A 221 -3.30 0.29 -10.16
N VAL A 222 -2.30 1.15 -9.97
CA VAL A 222 -0.93 0.76 -10.21
C VAL A 222 -0.17 0.71 -8.92
N PHE A 223 0.64 -0.32 -8.78
CA PHE A 223 1.42 -0.56 -7.57
C PHE A 223 2.89 -0.70 -7.87
N THR A 224 3.71 -0.41 -6.88
CA THR A 224 5.15 -0.59 -6.99
C THR A 224 5.35 -2.12 -6.86
N ARG A 225 6.01 -2.77 -7.81
CA ARG A 225 6.24 -4.20 -7.70
C ARG A 225 7.31 -4.51 -6.64
N VAL A 226 6.87 -4.97 -5.47
CA VAL A 226 7.74 -5.30 -4.35
C VAL A 226 8.88 -6.26 -4.71
N SER A 227 8.58 -7.27 -5.53
CA SER A 227 9.58 -8.25 -5.92
C SER A 227 10.75 -7.65 -6.67
N ALA A 228 10.57 -6.46 -7.23
CA ALA A 228 11.65 -5.82 -7.96
C ALA A 228 12.55 -5.09 -6.96
N TYR A 229 12.17 -5.09 -5.68
CA TYR A 229 12.92 -4.34 -4.69
C TYR A 229 13.45 -5.11 -3.47
N ILE A 230 13.42 -6.43 -3.55
CA ILE A 230 13.88 -7.26 -2.45
C ILE A 230 15.32 -6.96 -1.99
N SER A 231 16.25 -6.73 -2.93
CA SER A 231 17.64 -6.43 -2.58
C SER A 231 17.79 -5.08 -1.86
N TRP A 232 17.09 -4.07 -2.35
CA TRP A 232 17.10 -2.74 -1.75
C TRP A 232 16.56 -2.86 -0.33
N ILE A 233 15.37 -3.45 -0.19
CA ILE A 233 14.75 -3.58 1.13
C ILE A 233 15.69 -4.22 2.11
N ASN A 234 16.24 -5.38 1.74
CA ASN A 234 17.16 -6.05 2.64
C ASN A 234 18.41 -5.24 2.94
N ASN A 235 18.92 -4.50 1.96
CA ASN A 235 20.11 -3.69 2.19
C ASN A 235 19.79 -2.56 3.17
N VAL A 236 18.63 -1.94 3.03
CA VAL A 236 18.30 -0.87 3.96
C VAL A 236 18.22 -1.44 5.38
N ILE A 237 17.39 -2.47 5.58
CA ILE A 237 17.21 -3.09 6.91
C ILE A 237 18.53 -3.53 7.55
N ALA A 238 19.40 -4.16 6.76
CA ALA A 238 20.70 -4.65 7.21
C ALA A 238 21.68 -3.53 7.59
N SER A 239 21.58 -2.42 6.87
CA SER A 239 22.46 -1.29 7.08
C SER A 239 22.12 -0.24 8.13
N ASN A 240 20.85 -0.02 8.43
CA ASN A 240 20.51 0.99 9.40
C ASN A 240 19.22 0.73 10.14
#